data_8DDP
#
_entry.id   8DDP
#
_cell.length_a   48.130
_cell.length_b   59.710
_cell.length_c   101.420
_cell.angle_alpha   90.000
_cell.angle_beta   90.000
_cell.angle_gamma   90.000
#
_symmetry.space_group_name_H-M   'P 21 21 21'
#
loop_
_entity.id
_entity.type
_entity.pdbx_description
1 polymer 'SAG-related sequence SRS57'
2 non-polymer GLYCEROL
3 water water
#
_entity_poly.entity_id   1
_entity_poly.type   'polypeptide(L)'
_entity_poly.pdbx_seq_one_letter_code
;YFGTLTQKAPNWYRCSSTRAKEEVVGHVTLNKEHPDMTIECVDDGLGGEFLPLEGARSSYPRVCHIDAKDQDDCERNRGF
LTDYIPGAKQYWYKIEKVEQNGEQSVLYKFTVPWILLPPAKQRYKVGCRYPNHEYCFVEVTVEPTPPMVEGKRVTCGYSE
SGPVNLEVDLSKNANFIEIRCGEQHHPQPSTYTLQYCSGDSVDPQKCSPQSLTNIFYDYSSSWWKGKLNGPDGATLTIPP
GGFPEEDKSFLVGCSLTVDGPPFCNVKVRVAGNPAAALV
;
_entity_poly.pdbx_strand_id   A
#
# COMPACT_ATOMS: atom_id res chain seq x y z
N TYR A 1 0.17 -12.93 30.74
CA TYR A 1 -0.73 -11.77 30.62
C TYR A 1 -1.73 -11.92 29.47
N PHE A 2 -1.95 -13.16 29.03
CA PHE A 2 -2.88 -13.39 27.92
C PHE A 2 -4.32 -13.24 28.39
N GLY A 3 -5.03 -12.37 27.70
CA GLY A 3 -6.47 -12.33 27.79
C GLY A 3 -7.04 -13.43 26.92
N THR A 4 -8.36 -13.52 26.93
CA THR A 4 -9.07 -14.63 26.33
C THR A 4 -9.71 -14.12 25.05
N LEU A 5 -9.31 -14.69 23.92
CA LEU A 5 -9.74 -14.19 22.63
C LEU A 5 -10.62 -15.21 21.93
N THR A 6 -11.82 -14.79 21.52
CA THR A 6 -12.69 -15.66 20.76
C THR A 6 -13.13 -14.95 19.48
N GLN A 7 -13.43 -15.77 18.48
CA GLN A 7 -13.85 -15.26 17.19
C GLN A 7 -15.35 -15.33 17.07
N LYS A 8 -15.97 -14.20 16.73
CA LYS A 8 -17.43 -14.13 16.60
C LYS A 8 -17.88 -14.21 15.16
N ALA A 9 -16.97 -13.91 14.24
CA ALA A 9 -17.24 -13.99 12.82
C ALA A 9 -15.91 -13.80 12.10
N PRO A 10 -15.88 -14.06 10.78
CA PRO A 10 -14.68 -13.69 10.05
C PRO A 10 -14.41 -12.21 10.24
N ASN A 11 -13.19 -11.90 10.66
CA ASN A 11 -12.72 -10.53 10.92
C ASN A 11 -13.38 -9.87 12.15
N TRP A 12 -14.03 -10.67 13.01
CA TRP A 12 -14.58 -10.13 14.26
C TRP A 12 -14.09 -10.93 15.46
N TYR A 13 -13.36 -10.26 16.35
CA TYR A 13 -12.77 -10.89 17.51
C TYR A 13 -13.16 -10.19 18.80
N ARG A 14 -13.26 -10.99 19.86
CA ARG A 14 -13.64 -10.53 21.21
C ARG A 14 -12.56 -10.90 22.21
N CYS A 15 -12.08 -9.91 22.96
CA CYS A 15 -11.05 -10.09 23.99
C CYS A 15 -11.66 -9.81 25.34
N SER A 16 -11.32 -10.60 26.33
CA SER A 16 -11.60 -10.26 27.73
C SER A 16 -10.35 -10.44 28.57
N SER A 17 -10.34 -9.81 29.75
CA SER A 17 -9.23 -9.90 30.68
C SER A 17 -9.22 -11.20 31.50
N THR A 18 -10.12 -12.14 31.22
CA THR A 18 -9.99 -13.46 31.81
C THR A 18 -8.63 -14.00 31.39
N ARG A 19 -7.82 -14.42 32.35
CA ARG A 19 -6.46 -14.86 32.04
C ARG A 19 -6.48 -16.25 31.39
N ALA A 20 -6.05 -16.32 30.14
CA ALA A 20 -6.01 -17.58 29.43
C ALA A 20 -4.65 -18.23 29.67
N LYS A 21 -4.57 -19.51 29.40
CA LYS A 21 -3.35 -20.26 29.73
C LYS A 21 -2.37 -20.30 28.56
N GLU A 22 -2.88 -20.09 27.36
CA GLU A 22 -2.03 -19.99 26.19
C GLU A 22 -2.45 -18.77 25.37
N GLU A 23 -1.50 -18.27 24.61
CA GLU A 23 -1.81 -17.11 23.82
C GLU A 23 -2.53 -17.47 22.53
N VAL A 24 -3.74 -16.96 22.41
CA VAL A 24 -4.52 -17.07 21.18
C VAL A 24 -4.53 -15.72 20.47
N VAL A 25 -4.23 -15.74 19.17
CA VAL A 25 -4.11 -14.52 18.36
C VAL A 25 -5.15 -14.52 17.24
N GLY A 26 -5.82 -13.40 17.03
CA GLY A 26 -6.79 -13.24 15.97
C GLY A 26 -6.12 -12.95 14.63
N HIS A 27 -6.80 -13.31 13.54
CA HIS A 27 -6.26 -13.09 12.19
C HIS A 27 -7.30 -12.50 11.28
N VAL A 28 -7.09 -11.24 10.93
CA VAL A 28 -7.96 -10.48 10.04
C VAL A 28 -7.31 -10.34 8.68
N THR A 29 -8.09 -10.49 7.60
CA THR A 29 -7.66 -10.16 6.24
C THR A 29 -8.59 -9.10 5.67
N LEU A 30 -8.03 -7.94 5.31
CA LEU A 30 -8.82 -6.87 4.70
C LEU A 30 -8.55 -6.85 3.20
N ASN A 31 -9.63 -6.88 2.43
CA ASN A 31 -9.52 -6.72 0.99
C ASN A 31 -10.81 -6.10 0.47
N LYS A 32 -10.97 -6.01 -0.84
CA LYS A 32 -12.14 -5.33 -1.38
C LYS A 32 -13.45 -6.00 -0.97
N GLU A 33 -13.48 -7.33 -0.99
CA GLU A 33 -14.70 -8.04 -0.62
C GLU A 33 -14.94 -8.07 0.89
N HIS A 34 -13.89 -7.84 1.67
CA HIS A 34 -13.99 -7.88 3.12
C HIS A 34 -13.18 -6.73 3.65
N PRO A 35 -13.70 -5.51 3.46
CA PRO A 35 -12.95 -4.29 3.75
C PRO A 35 -12.99 -3.87 5.22
N ASP A 36 -13.72 -4.60 6.06
CA ASP A 36 -13.84 -4.23 7.48
C ASP A 36 -13.57 -5.32 8.49
N MET A 37 -13.23 -4.89 9.70
CA MET A 37 -12.95 -5.77 10.79
C MET A 37 -13.53 -5.15 12.05
N THR A 38 -13.78 -5.98 13.04
CA THR A 38 -14.27 -5.51 14.35
C THR A 38 -13.41 -6.08 15.47
N ILE A 39 -12.95 -5.19 16.36
CA ILE A 39 -12.21 -5.57 17.57
C ILE A 39 -13.15 -5.26 18.72
N GLU A 40 -13.48 -6.27 19.52
CA GLU A 40 -14.38 -6.09 20.65
C GLU A 40 -13.64 -6.33 21.95
N CYS A 41 -13.53 -5.29 22.77
CA CYS A 41 -12.81 -5.37 24.03
C CYS A 41 -13.81 -5.37 25.18
N VAL A 42 -13.75 -6.42 25.99
CA VAL A 42 -14.68 -6.55 27.10
C VAL A 42 -14.19 -5.70 28.26
N ASP A 43 -15.10 -4.92 28.83
CA ASP A 43 -14.81 -4.08 29.98
C ASP A 43 -15.21 -4.83 31.25
N ASP A 44 -14.21 -5.37 31.93
CA ASP A 44 -14.43 -6.12 33.15
C ASP A 44 -14.22 -5.24 34.38
N GLY A 45 -14.40 -3.93 34.19
CA GLY A 45 -14.29 -2.97 35.27
C GLY A 45 -12.92 -2.33 35.33
N GLY A 48 -12.09 -1.25 28.64
CA GLY A 48 -12.04 -1.98 27.39
C GLY A 48 -11.35 -1.20 26.29
N GLU A 49 -10.02 -1.13 26.36
CA GLU A 49 -9.29 -0.26 25.45
C GLU A 49 -8.65 -1.02 24.27
N PHE A 50 -8.83 -0.42 23.09
CA PHE A 50 -8.07 -0.75 21.89
C PHE A 50 -6.57 -0.68 22.19
N LEU A 51 -5.85 -1.65 21.63
CA LEU A 51 -4.42 -1.76 21.68
C LEU A 51 -3.89 -1.39 20.29
N PRO A 52 -3.00 -0.41 20.19
CA PRO A 52 -2.41 0.40 21.27
C PRO A 52 -3.38 1.42 21.81
N LEU A 53 -3.26 1.69 23.11
CA LEU A 53 -4.09 2.69 23.76
C LEU A 53 -4.11 4.00 22.97
N GLU A 54 -5.32 4.52 22.74
CA GLU A 54 -5.63 5.73 21.98
C GLU A 54 -5.53 5.55 20.46
N GLY A 55 -5.08 4.38 20.00
CA GLY A 55 -4.75 4.21 18.59
C GLY A 55 -5.89 4.35 17.59
N ALA A 56 -7.12 4.16 18.07
CA ALA A 56 -8.31 4.24 17.23
C ALA A 56 -9.03 5.59 17.42
N ARG A 57 -8.52 6.41 18.32
CA ARG A 57 -9.12 7.74 18.58
C ARG A 57 -8.29 8.91 18.08
N SER A 58 -6.98 8.71 17.95
CA SER A 58 -6.05 9.79 17.62
C SER A 58 -6.10 10.20 16.14
N SER A 59 -5.82 11.47 15.87
CA SER A 59 -5.83 12.00 14.51
C SER A 59 -4.76 11.35 13.63
N TYR A 60 -3.66 10.91 14.25
CA TYR A 60 -2.70 10.02 13.61
C TYR A 60 -2.93 8.62 14.18
N PRO A 61 -3.65 7.76 13.44
CA PRO A 61 -3.98 6.47 14.06
C PRO A 61 -2.74 5.63 14.28
N ARG A 62 -2.73 4.81 15.34
CA ARG A 62 -1.54 4.07 15.68
C ARG A 62 -1.84 2.58 15.79
N VAL A 63 -0.82 1.76 15.55
CA VAL A 63 -0.94 0.30 15.55
C VAL A 63 0.30 -0.34 16.20
N CYS A 64 0.21 -1.63 16.52
CA CYS A 64 1.38 -2.43 16.90
C CYS A 64 2.17 -2.92 15.70
N HIS A 65 3.48 -2.94 15.82
CA HIS A 65 4.30 -3.69 14.89
C HIS A 65 3.88 -5.15 14.94
N ILE A 66 3.99 -5.81 13.79
CA ILE A 66 3.47 -7.16 13.66
C ILE A 66 4.20 -8.13 14.61
N ASP A 67 5.42 -7.80 15.01
CA ASP A 67 6.21 -8.68 15.89
C ASP A 67 6.21 -8.24 17.36
N ALA A 68 5.25 -7.40 17.75
CA ALA A 68 5.19 -6.94 19.15
C ALA A 68 4.99 -8.13 20.06
N LYS A 69 5.70 -8.15 21.18
CA LYS A 69 5.68 -9.35 22.02
C LYS A 69 4.56 -9.33 23.05
N ASP A 70 4.13 -8.13 23.43
CA ASP A 70 3.06 -7.96 24.40
C ASP A 70 2.58 -6.51 24.40
N GLN A 71 1.73 -6.14 25.37
CA GLN A 71 1.15 -4.81 25.43
C GLN A 71 2.20 -3.70 25.49
N ASP A 72 3.19 -3.83 26.36
CA ASP A 72 4.18 -2.78 26.50
C ASP A 72 5.09 -2.69 25.29
N ASP A 73 5.44 -3.85 24.71
CA ASP A 73 6.30 -3.87 23.53
C ASP A 73 5.57 -3.16 22.40
N CYS A 74 4.29 -3.43 22.31
CA CYS A 74 3.46 -2.79 21.28
C CYS A 74 3.45 -1.29 21.47
N GLU A 75 3.08 -0.86 22.67
CA GLU A 75 2.79 0.55 22.90
C GLU A 75 4.04 1.42 22.95
N ARG A 76 5.13 0.89 23.48
N ARG A 76 5.14 0.89 23.49
CA ARG A 76 6.36 1.67 23.53
CA ARG A 76 6.36 1.66 23.54
C ARG A 76 7.03 1.76 22.15
C ARG A 76 7.01 1.77 22.15
N ASN A 77 6.52 0.97 21.20
CA ASN A 77 7.01 0.99 19.84
C ASN A 77 5.90 1.28 18.83
N ARG A 78 4.79 1.84 19.30
CA ARG A 78 3.60 1.99 18.45
C ARG A 78 3.94 2.70 17.11
N GLY A 79 3.51 2.06 16.03
CA GLY A 79 3.68 2.60 14.69
C GLY A 79 2.51 3.45 14.24
N PHE A 80 2.63 3.98 13.04
CA PHE A 80 1.59 4.81 12.40
C PHE A 80 0.82 3.99 11.38
N LEU A 81 -0.51 3.98 11.49
CA LEU A 81 -1.33 3.31 10.49
C LEU A 81 -1.03 3.77 9.06
N THR A 82 -0.72 5.05 8.86
CA THR A 82 -0.48 5.55 7.51
C THR A 82 0.82 5.01 6.90
N ASP A 83 1.71 4.45 7.72
CA ASP A 83 2.90 3.83 7.15
C ASP A 83 2.57 2.48 6.52
N TYR A 84 1.40 1.93 6.85
CA TYR A 84 0.86 0.72 6.26
C TYR A 84 -0.19 0.99 5.20
N ILE A 85 -1.08 1.94 5.46
CA ILE A 85 -2.11 2.30 4.49
C ILE A 85 -2.09 3.80 4.31
N PRO A 86 -1.44 4.28 3.24
CA PRO A 86 -1.42 5.73 3.04
C PRO A 86 -2.81 6.32 3.02
N GLY A 87 -2.99 7.47 3.66
CA GLY A 87 -4.26 8.16 3.61
C GLY A 87 -5.24 7.69 4.68
N ALA A 88 -4.86 6.68 5.45
CA ALA A 88 -5.69 6.28 6.59
C ALA A 88 -6.05 7.46 7.47
N LYS A 89 -7.29 7.45 7.95
CA LYS A 89 -7.84 8.51 8.80
C LYS A 89 -8.49 7.90 10.01
N GLN A 90 -8.57 8.66 11.10
CA GLN A 90 -9.20 8.16 12.31
C GLN A 90 -10.64 7.73 12.07
N TYR A 91 -11.34 8.44 11.20
CA TYR A 91 -12.76 8.16 10.99
C TYR A 91 -12.99 6.88 10.19
N TRP A 92 -11.92 6.18 9.81
CA TRP A 92 -12.08 4.83 9.27
C TRP A 92 -12.49 3.89 10.40
N TYR A 93 -12.39 4.35 11.65
CA TYR A 93 -12.85 3.61 12.80
C TYR A 93 -14.21 4.15 13.22
N LYS A 94 -15.12 3.23 13.57
CA LYS A 94 -16.39 3.61 14.21
C LYS A 94 -16.44 2.88 15.52
N ILE A 95 -16.69 3.62 16.59
CA ILE A 95 -16.55 3.09 17.94
C ILE A 95 -17.89 3.11 18.65
N GLU A 96 -18.21 1.99 19.30
CA GLU A 96 -19.53 1.76 19.91
C GLU A 96 -19.39 1.09 21.27
N LYS A 97 -20.12 1.58 22.26
CA LYS A 97 -20.23 0.86 23.52
C LYS A 97 -21.45 -0.05 23.46
N VAL A 98 -21.28 -1.28 23.95
CA VAL A 98 -22.37 -2.25 23.96
C VAL A 98 -22.48 -2.85 25.36
N GLU A 99 -23.72 -3.03 25.79
CA GLU A 99 -24.06 -3.59 27.10
C GLU A 99 -24.91 -4.81 26.84
N GLN A 100 -24.48 -5.97 27.32
CA GLN A 100 -25.32 -7.16 27.17
C GLN A 100 -25.23 -8.03 28.41
N ASN A 101 -26.39 -8.35 28.98
CA ASN A 101 -26.52 -9.23 30.14
C ASN A 101 -25.45 -8.99 31.21
N GLY A 102 -25.17 -7.72 31.50
CA GLY A 102 -24.25 -7.36 32.56
C GLY A 102 -22.80 -7.27 32.11
N GLU A 103 -22.55 -7.52 30.82
CA GLU A 103 -21.22 -7.35 30.27
C GLU A 103 -21.14 -6.11 29.38
N GLN A 104 -20.19 -5.24 29.71
CA GLN A 104 -19.89 -4.07 28.91
C GLN A 104 -18.71 -4.37 27.98
N SER A 105 -18.83 -3.97 26.72
CA SER A 105 -17.71 -4.10 25.81
C SER A 105 -17.65 -2.88 24.92
N VAL A 106 -16.49 -2.65 24.31
CA VAL A 106 -16.34 -1.59 23.32
C VAL A 106 -15.99 -2.24 22.00
N LEU A 107 -16.69 -1.79 20.95
CA LEU A 107 -16.55 -2.29 19.58
C LEU A 107 -15.83 -1.28 18.71
N TYR A 108 -14.71 -1.69 18.13
CA TYR A 108 -13.99 -0.83 17.20
C TYR A 108 -14.10 -1.46 15.83
N LYS A 109 -14.89 -0.84 14.96
CA LYS A 109 -15.08 -1.33 13.61
C LYS A 109 -14.31 -0.49 12.61
N PHE A 110 -13.34 -1.13 11.96
CA PHE A 110 -12.40 -0.47 11.05
C PHE A 110 -12.72 -0.84 9.62
N THR A 111 -12.92 0.17 8.77
CA THR A 111 -13.22 -0.02 7.34
C THR A 111 -12.24 0.73 6.43
N VAL A 112 -11.62 -0.01 5.52
CA VAL A 112 -10.75 0.59 4.51
C VAL A 112 -11.54 0.85 3.24
N PRO A 113 -11.60 2.12 2.78
CA PRO A 113 -12.18 2.35 1.45
C PRO A 113 -11.40 1.56 0.41
N TRP A 114 -12.06 0.69 -0.35
CA TRP A 114 -11.33 -0.32 -1.10
C TRP A 114 -10.38 0.30 -2.14
N ILE A 115 -10.69 1.48 -2.69
CA ILE A 115 -9.77 2.08 -3.64
C ILE A 115 -8.45 2.54 -2.98
N LEU A 116 -8.40 2.56 -1.65
CA LEU A 116 -7.20 3.00 -0.94
C LEU A 116 -6.39 1.84 -0.38
N LEU A 117 -6.72 0.61 -0.76
CA LEU A 117 -5.88 -0.52 -0.38
C LEU A 117 -4.49 -0.27 -0.98
N PRO A 118 -3.42 -0.59 -0.23
CA PRO A 118 -2.05 -0.25 -0.62
C PRO A 118 -1.58 -1.12 -1.78
N PRO A 119 -0.50 -0.73 -2.45
CA PRO A 119 -0.05 -1.49 -3.63
C PRO A 119 0.78 -2.74 -3.29
N ALA A 120 1.13 -2.89 -2.01
CA ALA A 120 1.80 -4.10 -1.51
C ALA A 120 1.07 -4.57 -0.27
N LYS A 121 1.10 -5.87 -0.04
CA LYS A 121 0.52 -6.46 1.17
C LYS A 121 1.20 -5.92 2.42
N GLN A 122 0.41 -5.60 3.45
CA GLN A 122 0.91 -5.05 4.70
C GLN A 122 0.41 -5.88 5.86
N ARG A 123 1.20 -5.94 6.94
CA ARG A 123 0.76 -6.60 8.15
C ARG A 123 1.11 -5.74 9.35
N TYR A 124 0.12 -5.58 10.24
CA TYR A 124 0.33 -4.96 11.54
C TYR A 124 -0.58 -5.66 12.52
N LYS A 125 -0.61 -5.25 13.78
CA LYS A 125 -1.64 -5.83 14.62
C LYS A 125 -2.14 -4.81 15.60
N VAL A 126 -3.35 -5.08 16.06
CA VAL A 126 -4.03 -4.26 17.03
C VAL A 126 -4.58 -5.26 18.03
N GLY A 127 -5.62 -4.89 18.75
CA GLY A 127 -6.11 -5.76 19.78
C GLY A 127 -6.79 -5.01 20.89
N CYS A 128 -6.75 -5.63 22.08
CA CYS A 128 -7.27 -5.08 23.33
C CYS A 128 -6.21 -5.11 24.39
N ARG A 129 -6.30 -4.15 25.33
CA ARG A 129 -5.32 -3.99 26.36
C ARG A 129 -6.02 -3.53 27.64
N TYR A 130 -5.40 -3.85 28.77
CA TYR A 130 -5.93 -3.49 30.10
C TYR A 130 -4.84 -2.87 30.96
N PRO A 131 -5.23 -2.12 32.01
CA PRO A 131 -4.25 -1.44 32.87
C PRO A 131 -3.27 -2.37 33.60
N ASN A 132 -3.67 -3.62 33.81
CA ASN A 132 -2.79 -4.60 34.44
C ASN A 132 -1.90 -5.34 33.44
N HIS A 133 -1.83 -4.80 32.21
CA HIS A 133 -0.96 -5.25 31.14
C HIS A 133 -1.46 -6.49 30.42
N GLU A 134 -2.72 -6.86 30.63
CA GLU A 134 -3.28 -7.99 29.92
C GLU A 134 -3.57 -7.54 28.51
N TYR A 135 -3.52 -8.46 27.55
CA TYR A 135 -3.78 -8.10 26.16
C TYR A 135 -4.23 -9.29 25.33
N CYS A 136 -4.87 -8.97 24.21
CA CYS A 136 -5.05 -9.92 23.12
C CYS A 136 -4.59 -9.25 21.85
N PHE A 137 -3.86 -9.99 21.00
CA PHE A 137 -3.50 -9.50 19.67
C PHE A 137 -4.46 -9.98 18.60
N VAL A 138 -4.78 -9.08 17.66
CA VAL A 138 -5.43 -9.43 16.40
C VAL A 138 -4.53 -8.92 15.28
N GLU A 139 -3.95 -9.87 14.55
CA GLU A 139 -3.09 -9.53 13.42
C GLU A 139 -3.95 -9.14 12.22
N VAL A 140 -3.53 -8.08 11.54
CA VAL A 140 -4.26 -7.54 10.40
C VAL A 140 -3.42 -7.65 9.15
N THR A 141 -3.91 -8.37 8.15
CA THR A 141 -3.28 -8.43 6.84
C THR A 141 -4.09 -7.56 5.90
N VAL A 142 -3.44 -6.54 5.33
CA VAL A 142 -4.08 -5.66 4.37
C VAL A 142 -3.63 -6.06 2.98
N GLU A 143 -4.57 -6.54 2.19
CA GLU A 143 -4.27 -7.03 0.85
C GLU A 143 -4.16 -5.87 -0.11
N PRO A 144 -3.40 -6.06 -1.19
CA PRO A 144 -3.15 -4.91 -2.05
C PRO A 144 -4.13 -4.65 -3.19
N THR A 145 -4.23 -3.40 -3.60
CA THR A 145 -4.89 -3.05 -4.86
C THR A 145 -4.13 -3.74 -5.98
N PRO A 146 -4.85 -4.44 -6.87
CA PRO A 146 -4.18 -5.07 -8.01
C PRO A 146 -3.47 -4.09 -8.93
N PRO A 147 -2.30 -4.46 -9.45
CA PRO A 147 -1.72 -3.61 -10.50
C PRO A 147 -2.66 -3.52 -11.68
N MET A 148 -2.74 -2.35 -12.29
CA MET A 148 -3.68 -2.15 -13.37
C MET A 148 -3.24 -1.03 -14.28
N VAL A 149 -3.76 -1.09 -15.51
CA VAL A 149 -3.64 0.01 -16.45
C VAL A 149 -5.06 0.36 -16.84
N GLU A 150 -5.50 1.56 -16.44
CA GLU A 150 -6.84 2.03 -16.71
C GLU A 150 -6.71 3.30 -17.52
N GLY A 151 -7.02 3.20 -18.80
CA GLY A 151 -6.75 4.27 -19.73
C GLY A 151 -5.25 4.45 -19.80
N LYS A 152 -4.80 5.65 -19.42
CA LYS A 152 -3.39 5.97 -19.42
C LYS A 152 -2.83 6.08 -18.01
N ARG A 153 -3.58 5.61 -17.00
CA ARG A 153 -3.06 5.55 -15.64
C ARG A 153 -2.56 4.16 -15.33
N VAL A 154 -1.27 4.08 -15.01
CA VAL A 154 -0.61 2.83 -14.63
C VAL A 154 -0.44 2.84 -13.12
N THR A 155 -1.08 1.88 -12.45
CA THR A 155 -0.90 1.70 -11.01
C THR A 155 -0.05 0.45 -10.77
N CYS A 156 1.17 0.64 -10.30
CA CYS A 156 2.04 -0.48 -10.06
C CYS A 156 1.63 -1.23 -8.82
N GLY A 157 2.09 -2.45 -8.71
CA GLY A 157 1.85 -3.29 -7.54
C GLY A 157 3.04 -4.19 -7.36
N TYR A 158 3.09 -4.90 -6.23
CA TYR A 158 4.27 -5.64 -5.83
C TYR A 158 3.89 -7.01 -5.32
N SER A 159 4.62 -8.03 -5.74
CA SER A 159 4.35 -9.40 -5.30
C SER A 159 5.65 -10.13 -5.02
N GLU A 160 5.70 -10.88 -3.93
CA GLU A 160 6.91 -11.64 -3.64
C GLU A 160 7.06 -12.86 -4.55
N SER A 161 6.02 -13.17 -5.32
CA SER A 161 6.06 -14.32 -6.24
C SER A 161 6.52 -13.95 -7.66
N GLY A 162 7.02 -12.74 -7.83
CA GLY A 162 7.67 -12.36 -9.08
C GLY A 162 7.45 -10.92 -9.45
N PRO A 163 8.22 -10.40 -10.42
CA PRO A 163 7.95 -9.02 -10.86
C PRO A 163 6.57 -8.88 -11.47
N VAL A 164 6.03 -7.67 -11.35
CA VAL A 164 4.79 -7.27 -12.01
C VAL A 164 5.20 -6.57 -13.29
N ASN A 165 4.59 -6.96 -14.39
CA ASN A 165 4.88 -6.35 -15.70
C ASN A 165 3.64 -5.72 -16.27
N LEU A 166 3.70 -4.42 -16.57
CA LEU A 166 2.57 -3.70 -17.13
C LEU A 166 3.01 -2.98 -18.39
N GLU A 167 2.17 -2.99 -19.40
CA GLU A 167 2.48 -2.24 -20.64
C GLU A 167 1.43 -1.14 -20.86
N VAL A 168 1.88 0.00 -21.38
CA VAL A 168 1.00 1.13 -21.65
C VAL A 168 1.48 1.84 -22.92
N ASP A 169 0.59 2.57 -23.57
CA ASP A 169 0.88 3.22 -24.86
C ASP A 169 1.03 4.74 -24.75
N LEU A 170 1.92 5.29 -25.56
CA LEU A 170 2.05 6.72 -25.80
C LEU A 170 2.04 6.95 -27.31
N SER A 171 1.32 7.96 -27.78
CA SER A 171 1.32 8.33 -29.19
C SER A 171 1.04 9.83 -29.32
N LYS A 172 1.31 10.38 -30.50
CA LYS A 172 1.07 11.80 -30.75
C LYS A 172 -0.28 12.27 -30.25
N ASN A 173 -1.34 11.51 -30.53
CA ASN A 173 -2.68 11.98 -30.21
C ASN A 173 -3.20 11.45 -28.88
N ALA A 174 -2.41 10.62 -28.20
CA ALA A 174 -2.68 10.13 -26.84
C ALA A 174 -1.31 10.18 -26.16
N ASN A 175 -0.87 11.41 -25.90
CA ASN A 175 0.46 11.76 -25.48
C ASN A 175 0.89 11.87 -24.04
N PHE A 176 0.08 11.35 -23.14
CA PHE A 176 0.50 11.37 -21.74
C PHE A 176 0.17 10.05 -21.07
N ILE A 177 0.98 9.70 -20.07
CA ILE A 177 0.69 8.57 -19.21
C ILE A 177 0.94 9.01 -17.78
N GLU A 178 0.28 8.35 -16.85
CA GLU A 178 0.58 8.56 -15.44
C GLU A 178 0.98 7.22 -14.83
N ILE A 179 2.08 7.22 -14.07
CA ILE A 179 2.57 6.02 -13.40
C ILE A 179 2.68 6.25 -11.90
N ARG A 180 2.10 5.35 -11.12
CA ARG A 180 2.11 5.44 -9.67
C ARG A 180 2.87 4.28 -9.05
N CYS A 181 3.94 4.59 -8.34
CA CYS A 181 4.66 3.59 -7.52
C CYS A 181 4.09 3.44 -6.12
N GLY A 182 3.38 4.47 -5.69
CA GLY A 182 2.92 4.55 -4.31
C GLY A 182 3.88 5.30 -3.42
N GLU A 183 3.31 6.05 -2.49
CA GLU A 183 4.08 6.84 -1.54
C GLU A 183 5.01 6.02 -0.65
N GLN A 184 4.71 4.74 -0.46
CA GLN A 184 5.55 3.86 0.35
C GLN A 184 6.77 3.33 -0.40
N HIS A 185 6.81 3.55 -1.72
CA HIS A 185 7.82 2.87 -2.53
C HIS A 185 8.71 3.82 -3.32
N HIS A 186 9.37 3.32 -4.37
CA HIS A 186 10.52 4.03 -4.92
C HIS A 186 10.61 3.88 -6.43
N PRO A 187 11.18 4.87 -7.12
CA PRO A 187 11.30 4.81 -8.58
C PRO A 187 12.46 3.97 -9.06
N GLN A 188 12.34 3.35 -10.23
CA GLN A 188 13.47 2.72 -10.89
C GLN A 188 13.43 3.02 -12.37
N PRO A 189 14.56 3.44 -12.95
CA PRO A 189 15.78 3.86 -12.27
C PRO A 189 15.51 5.10 -11.44
N SER A 190 16.36 5.40 -10.47
CA SER A 190 16.15 6.60 -9.68
C SER A 190 16.29 7.86 -10.54
N THR A 191 16.93 7.70 -11.69
CA THR A 191 17.20 8.76 -12.64
C THR A 191 16.20 8.77 -13.79
N TYR A 192 14.99 8.29 -13.52
CA TYR A 192 13.97 8.07 -14.56
C TYR A 192 13.56 9.31 -15.34
N THR A 193 13.84 10.52 -14.85
CA THR A 193 13.48 11.69 -15.67
C THR A 193 14.53 11.92 -16.77
N LEU A 194 15.62 11.18 -16.74
CA LEU A 194 16.68 11.27 -17.74
C LEU A 194 16.99 9.95 -18.43
N GLN A 195 16.74 8.84 -17.74
CA GLN A 195 17.17 7.53 -18.19
C GLN A 195 16.05 6.52 -18.13
N TYR A 196 16.16 5.47 -18.95
CA TYR A 196 15.27 4.33 -18.92
C TYR A 196 16.11 3.08 -18.83
N CYS A 197 15.46 1.95 -18.59
CA CYS A 197 16.16 0.67 -18.53
C CYS A 197 16.13 0.00 -19.88
N SER A 198 17.32 -0.22 -20.46
CA SER A 198 17.43 -0.88 -21.76
C SER A 198 17.50 -2.39 -21.59
N GLY A 199 17.65 -2.85 -20.35
CA GLY A 199 17.62 -4.28 -20.04
C GLY A 199 16.18 -4.79 -19.96
N ASP A 200 15.99 -5.96 -19.36
CA ASP A 200 14.66 -6.59 -19.36
C ASP A 200 13.94 -6.49 -18.01
N SER A 201 14.50 -5.68 -17.12
CA SER A 201 13.95 -5.45 -15.80
C SER A 201 14.37 -4.09 -15.30
N VAL A 202 13.59 -3.49 -14.40
CA VAL A 202 14.03 -2.25 -13.75
C VAL A 202 14.90 -2.53 -12.50
N ASP A 203 15.06 -3.81 -12.19
CA ASP A 203 16.03 -4.24 -11.19
C ASP A 203 17.37 -3.54 -11.47
N PRO A 204 17.91 -2.79 -10.48
CA PRO A 204 19.15 -2.05 -10.69
C PRO A 204 20.28 -2.93 -11.23
N GLN A 205 20.30 -4.21 -10.86
CA GLN A 205 21.32 -5.14 -11.36
C GLN A 205 21.13 -5.50 -12.85
N LYS A 206 19.94 -5.23 -13.40
CA LYS A 206 19.63 -5.64 -14.76
C LYS A 206 19.17 -4.49 -15.64
N CYS A 207 19.00 -3.32 -15.04
CA CYS A 207 18.37 -2.19 -15.72
C CYS A 207 19.12 -1.73 -16.97
N SER A 208 20.45 -1.63 -16.85
CA SER A 208 21.27 -1.04 -17.89
C SER A 208 20.73 0.31 -18.34
N PRO A 209 20.86 1.33 -17.48
CA PRO A 209 20.23 2.62 -17.75
C PRO A 209 20.86 3.31 -18.98
N GLN A 210 20.00 3.89 -19.81
CA GLN A 210 20.44 4.58 -21.03
C GLN A 210 19.63 5.86 -21.14
N SER A 211 20.09 6.79 -21.97
CA SER A 211 19.46 8.10 -22.09
C SER A 211 18.11 8.06 -22.83
N LEU A 212 17.13 8.77 -22.31
CA LEU A 212 15.82 8.86 -22.94
C LEU A 212 15.87 9.61 -24.28
N THR A 213 17.01 10.22 -24.58
CA THR A 213 17.19 10.76 -25.94
C THR A 213 17.24 9.65 -27.01
N ASN A 214 17.40 8.41 -26.58
CA ASN A 214 17.24 7.25 -27.46
C ASN A 214 15.80 7.04 -27.94
N ILE A 215 14.86 7.59 -27.17
CA ILE A 215 13.45 7.28 -27.35
C ILE A 215 12.76 8.47 -28.02
N PHE A 216 12.99 9.66 -27.47
CA PHE A 216 12.24 10.84 -27.88
C PHE A 216 13.14 11.84 -28.58
N TYR A 217 12.52 12.67 -29.41
CA TYR A 217 13.17 13.79 -30.03
C TYR A 217 13.05 15.05 -29.17
N ASP A 218 14.11 15.84 -29.06
CA ASP A 218 14.14 17.07 -28.27
C ASP A 218 13.75 16.77 -26.83
N TYR A 219 14.20 15.63 -26.31
CA TYR A 219 13.79 15.19 -24.99
C TYR A 219 14.19 16.17 -23.89
N SER A 220 13.29 16.39 -22.93
CA SER A 220 13.60 17.15 -21.73
C SER A 220 13.02 16.48 -20.50
N SER A 221 13.79 16.47 -19.41
CA SER A 221 13.28 16.01 -18.14
C SER A 221 12.04 16.77 -17.66
N SER A 222 11.83 17.95 -18.21
CA SER A 222 10.66 18.77 -17.87
C SER A 222 9.34 18.16 -18.35
N TRP A 223 9.41 17.12 -19.16
CA TRP A 223 8.20 16.48 -19.65
C TRP A 223 7.56 15.61 -18.58
N TRP A 224 8.28 15.34 -17.47
CA TRP A 224 7.71 14.64 -16.33
C TRP A 224 7.20 15.63 -15.29
N LYS A 225 6.01 15.38 -14.74
CA LYS A 225 5.45 16.18 -13.66
C LYS A 225 5.05 15.24 -12.56
N GLY A 226 5.29 15.63 -11.32
CA GLY A 226 5.01 14.74 -10.21
C GLY A 226 6.05 13.64 -10.06
N LYS A 227 6.11 13.10 -8.87
CA LYS A 227 7.09 12.09 -8.52
C LYS A 227 6.44 10.72 -8.67
N LEU A 228 7.20 9.74 -9.11
CA LEU A 228 6.65 8.39 -9.26
C LEU A 228 6.11 7.85 -7.92
N ASN A 229 6.72 8.26 -6.82
CA ASN A 229 6.24 7.85 -5.50
C ASN A 229 5.54 8.99 -4.76
N GLY A 230 5.05 9.96 -5.51
CA GLY A 230 4.16 10.98 -4.97
C GLY A 230 2.72 10.52 -4.93
N PRO A 231 1.84 11.34 -4.35
CA PRO A 231 0.44 10.91 -4.15
C PRO A 231 -0.33 10.64 -5.43
N ASP A 232 0.01 11.33 -6.52
CA ASP A 232 -0.66 11.15 -7.79
C ASP A 232 0.25 10.51 -8.82
N GLY A 233 1.38 9.97 -8.36
CA GLY A 233 2.36 9.43 -9.26
C GLY A 233 2.95 10.51 -10.14
N ALA A 234 3.62 10.10 -11.22
CA ALA A 234 4.26 11.02 -12.14
C ALA A 234 3.55 10.94 -13.48
N THR A 235 3.42 12.08 -14.14
CA THR A 235 2.85 12.14 -15.47
C THR A 235 3.91 12.52 -16.46
N LEU A 236 4.01 11.73 -17.52
CA LEU A 236 4.89 12.00 -18.64
C LEU A 236 4.06 12.46 -19.82
N THR A 237 4.36 13.66 -20.33
CA THR A 237 3.58 14.26 -21.42
C THR A 237 4.55 14.56 -22.55
N ILE A 238 4.27 13.98 -23.72
CA ILE A 238 5.14 14.13 -24.88
C ILE A 238 4.58 15.16 -25.88
N PRO A 239 5.33 16.22 -26.15
CA PRO A 239 4.88 17.18 -27.16
C PRO A 239 4.87 16.49 -28.52
N PRO A 240 4.03 16.96 -29.45
CA PRO A 240 3.86 16.15 -30.67
C PRO A 240 5.16 15.93 -31.44
N GLY A 241 6.06 16.90 -31.44
CA GLY A 241 7.30 16.81 -32.17
C GLY A 241 8.26 15.82 -31.53
N GLY A 242 7.98 15.51 -30.27
CA GLY A 242 8.81 14.60 -29.50
C GLY A 242 8.76 13.16 -29.99
N PHE A 243 7.71 12.79 -30.70
CA PHE A 243 7.60 11.43 -31.18
C PHE A 243 8.53 11.18 -32.34
N PRO A 244 9.24 10.05 -32.30
CA PRO A 244 10.10 9.68 -33.41
C PRO A 244 9.31 9.02 -34.54
N GLU A 245 10.00 8.68 -35.62
CA GLU A 245 9.32 8.10 -36.78
C GLU A 245 8.99 6.64 -36.60
N GLU A 246 9.74 5.97 -35.74
CA GLU A 246 9.65 4.54 -35.49
C GLU A 246 8.90 4.25 -34.19
N ASP A 247 8.15 3.13 -34.15
CA ASP A 247 7.65 2.58 -32.87
C ASP A 247 8.83 2.21 -32.01
N LYS A 248 8.76 2.55 -30.72
CA LYS A 248 9.83 2.30 -29.78
C LYS A 248 9.22 1.87 -28.45
N SER A 249 10.07 1.43 -27.54
CA SER A 249 9.59 1.16 -26.20
C SER A 249 10.70 1.41 -25.21
N PHE A 250 10.31 1.65 -23.95
CA PHE A 250 11.29 1.82 -22.88
C PHE A 250 10.69 1.32 -21.56
N LEU A 251 11.57 0.95 -20.65
CA LEU A 251 11.20 0.41 -19.36
C LEU A 251 11.50 1.41 -18.25
N VAL A 252 10.50 1.67 -17.43
CA VAL A 252 10.60 2.48 -16.22
C VAL A 252 9.71 1.77 -15.21
N GLY A 253 9.88 2.02 -13.93
CA GLY A 253 9.02 1.35 -12.96
C GLY A 253 9.31 1.70 -11.54
N CYS A 254 9.17 0.69 -10.69
CA CYS A 254 9.16 0.86 -9.23
C CYS A 254 9.83 -0.28 -8.51
N SER A 255 10.35 0.02 -7.33
CA SER A 255 10.88 -0.98 -6.41
C SER A 255 10.21 -0.83 -5.04
N LEU A 256 10.01 -1.95 -4.36
CA LEU A 256 9.39 -1.94 -3.02
C LEU A 256 10.18 -1.07 -2.03
N THR A 257 11.48 -1.32 -1.97
CA THR A 257 12.40 -0.53 -1.19
C THR A 257 13.24 0.34 -2.11
N VAL A 258 14.19 1.11 -1.58
CA VAL A 258 14.88 2.08 -2.42
C VAL A 258 15.60 1.36 -3.57
N ASP A 259 16.16 0.18 -3.30
CA ASP A 259 16.97 -0.57 -4.26
C ASP A 259 16.44 -1.97 -4.53
N GLY A 260 15.48 -2.43 -3.75
CA GLY A 260 15.21 -3.85 -3.70
C GLY A 260 13.81 -4.27 -4.09
N PRO A 261 13.64 -5.57 -4.32
CA PRO A 261 12.40 -6.16 -4.80
C PRO A 261 11.32 -6.24 -3.71
N PRO A 262 10.07 -6.53 -4.11
CA PRO A 262 9.64 -6.79 -5.49
C PRO A 262 9.73 -5.58 -6.40
N PHE A 263 9.82 -5.87 -7.70
CA PHE A 263 9.81 -4.85 -8.75
C PHE A 263 8.52 -4.82 -9.56
N CYS A 264 8.24 -3.65 -10.11
CA CYS A 264 7.15 -3.45 -11.05
C CYS A 264 7.73 -2.78 -12.29
N ASN A 265 7.61 -3.47 -13.41
CA ASN A 265 8.20 -3.06 -14.69
C ASN A 265 7.13 -2.47 -15.57
N VAL A 266 7.25 -1.21 -15.97
CA VAL A 266 6.29 -0.61 -16.87
C VAL A 266 6.96 -0.41 -18.23
N LYS A 267 6.46 -1.15 -19.22
CA LYS A 267 6.93 -1.04 -20.60
C LYS A 267 6.07 -0.03 -21.30
N VAL A 268 6.67 1.10 -21.67
CA VAL A 268 5.95 2.16 -22.34
C VAL A 268 6.19 2.00 -23.83
N ARG A 269 5.11 1.78 -24.59
CA ARG A 269 5.18 1.55 -26.03
C ARG A 269 4.88 2.84 -26.75
N VAL A 270 5.90 3.39 -27.43
CA VAL A 270 5.82 4.70 -28.07
C VAL A 270 5.51 4.50 -29.54
N ALA A 271 4.42 5.06 -30.03
CA ALA A 271 4.08 4.91 -31.44
C ALA A 271 4.86 5.87 -32.31
N GLY A 272 5.40 5.35 -33.40
CA GLY A 272 6.03 6.20 -34.40
C GLY A 272 5.05 7.14 -35.09
N ASN A 273 5.54 8.35 -35.39
CA ASN A 273 4.79 9.41 -36.03
C ASN A 273 5.50 9.79 -37.33
N PRO A 274 4.81 9.70 -38.47
CA PRO A 274 3.41 9.45 -38.71
C PRO A 274 3.04 7.99 -38.66
N ALA A 275 1.80 7.72 -38.25
CA ALA A 275 1.24 6.38 -38.34
C ALA A 275 1.20 6.02 -39.80
N ALA A 276 1.21 4.71 -40.11
CA ALA A 276 1.39 4.23 -41.48
C ALA A 276 0.32 4.77 -42.44
N ALA A 277 -0.90 4.86 -41.95
CA ALA A 277 -2.00 5.43 -42.73
C ALA A 277 -1.71 6.84 -43.26
N LEU A 278 -0.88 7.58 -42.53
CA LEU A 278 -0.71 9.02 -42.78
C LEU A 278 0.66 9.38 -43.35
N VAL A 279 1.39 8.39 -43.87
CA VAL A 279 2.73 8.65 -44.41
C VAL A 279 2.66 9.55 -45.64
#